data_9FWH
#
_entry.id   9FWH
#
_cell.length_a   62.038
_cell.length_b   70.679
_cell.length_c   109.382
_cell.angle_alpha   90
_cell.angle_beta   90
_cell.angle_gamma   90
#
_symmetry.space_group_name_H-M   'P 21 21 21'
#
loop_
_entity.id
_entity.type
_entity.pdbx_description
1 polymer 'Non-structural protein 10'
2 polymer 'Guanine-N7 methyltransferase nsp14'
3 non-polymer 'ZINC ION'
4 non-polymer '(4R)-4-phenyl-1,2-thiazolidine 1,1-dioxide'
5 water water
#
loop_
_entity_poly.entity_id
_entity_poly.type
_entity_poly.pdbx_seq_one_letter_code
_entity_poly.pdbx_strand_id
1 'polypeptide(L)'
;AGNATEVPANSTVLSFCAFAVDAAKAYKDYLASGGQPITNCVKMLCTHTGTGQAITVTPEANMDQESFGGASCCLYCRCH
IDHPNPKGFCDLKGKYVQIPTTCANDPVGFTLKNTVCTVCGMWKGYGCSCD
;
A
2 'polypeptide(L)'
;MAENVTGLFKDCSKVITGLHPTQAPTHLSVDTKFKTEGLCVDIPGIPKDMTYRRLISMMGFKMNYQVNGYPNMFITREEA
IRHVRAWIGFDVEGCHATREAVGTNLPLQLGFSTGVNLVAVPTGYVDTPNNTDFSRVSAKPPPGDQFKHLIPLMYKGLPW
NVVRIKIVQMLSDTLKNLSDRVVFVLWAHGFELTSMKYFVKIGPERTCCLCDRRATCFSTASDTYACWHHSIGFDYVYNP
FMIDVQQWGFTGNLQSNHDLYCQVHGNAHVASCDAIMTRCLAVHECFVKR
;
B
#
# COMPACT_ATOMS: atom_id res chain seq x y z
N ALA A 1 1.17 -19.91 -2.62
CA ALA A 1 2.58 -19.70 -2.96
C ALA A 1 3.11 -18.41 -2.33
N GLY A 2 4.44 -18.33 -2.17
CA GLY A 2 5.06 -17.14 -1.61
C GLY A 2 5.28 -17.22 -0.12
N ASN A 3 6.08 -16.30 0.42
CA ASN A 3 6.39 -16.30 1.84
C ASN A 3 6.01 -15.01 2.54
N ALA A 4 5.22 -15.11 3.61
CA ALA A 4 4.77 -13.97 4.39
C ALA A 4 5.92 -13.18 5.00
N THR A 5 5.93 -11.85 4.79
CA THR A 5 6.93 -11.01 5.42
C THR A 5 6.42 -10.35 6.69
N GLU A 6 5.08 -10.21 6.85
CA GLU A 6 4.53 -9.46 7.96
C GLU A 6 3.60 -10.19 8.93
N VAL A 7 3.37 -9.54 10.11
CA VAL A 7 2.52 -9.98 11.22
C VAL A 7 1.28 -9.06 11.31
N PRO A 8 0.11 -9.58 11.80
CA PRO A 8 -1.12 -8.77 11.79
C PRO A 8 -1.06 -7.47 12.60
N ALA A 9 -0.22 -7.43 13.64
CA ALA A 9 -0.10 -6.23 14.47
C ALA A 9 0.36 -5.00 13.69
N ASN A 10 1.01 -5.19 12.52
CA ASN A 10 1.49 -4.11 11.68
C ASN A 10 0.56 -3.71 10.55
N SER A 11 -0.47 -4.50 10.26
CA SER A 11 -1.38 -4.24 9.15
C SER A 11 -1.95 -2.82 9.06
N THR A 12 -2.48 -2.30 10.18
CA THR A 12 -3.09 -0.98 10.22
C THR A 12 -2.12 0.15 9.88
N VAL A 13 -1.00 0.25 10.60
CA VAL A 13 -0.03 1.30 10.37
C VAL A 13 0.62 1.19 8.99
N LEU A 14 0.95 -0.03 8.55
CA LEU A 14 1.55 -0.19 7.22
C LEU A 14 0.58 0.18 6.14
N SER A 15 -0.71 -0.16 6.30
CA SER A 15 -1.73 0.21 5.31
C SER A 15 -1.98 1.71 5.32
N PHE A 16 -2.01 2.32 6.50
CA PHE A 16 -2.20 3.76 6.66
C PHE A 16 -1.04 4.53 5.97
N CYS A 17 0.22 4.14 6.24
CA CYS A 17 1.39 4.81 5.66
C CYS A 17 1.61 4.47 4.18
N ALA A 18 1.11 3.31 3.74
CA ALA A 18 1.23 2.94 2.32
C ALA A 18 0.27 3.75 1.42
N PHE A 19 -0.77 4.38 2.00
CA PHE A 19 -1.69 5.19 1.20
C PHE A 19 -1.44 6.69 1.34
N ALA A 20 -0.72 7.13 2.39
CA ALA A 20 -0.45 8.54 2.64
C ALA A 20 0.36 9.29 1.59
N VAL A 21 -0.02 10.56 1.32
CA VAL A 21 0.74 11.48 0.46
C VAL A 21 2.09 11.74 1.16
N ASP A 22 2.05 12.00 2.48
CA ASP A 22 3.21 12.19 3.33
C ASP A 22 3.21 11.05 4.34
N ALA A 23 3.94 9.96 4.06
CA ALA A 23 3.98 8.81 4.96
C ALA A 23 4.71 9.06 6.28
N ALA A 24 5.75 9.91 6.28
CA ALA A 24 6.46 10.23 7.52
C ALA A 24 5.51 10.95 8.49
N LYS A 25 4.74 11.94 7.99
CA LYS A 25 3.78 12.67 8.81
C LYS A 25 2.67 11.72 9.28
N ALA A 26 2.18 10.85 8.37
CA ALA A 26 1.18 9.82 8.72
C ALA A 26 1.67 8.93 9.86
N TYR A 27 2.94 8.45 9.83
CA TYR A 27 3.46 7.63 10.91
C TYR A 27 3.56 8.39 12.25
N LYS A 28 4.11 9.62 12.22
CA LYS A 28 4.20 10.43 13.44
C LYS A 28 2.82 10.74 14.01
N ASP A 29 1.82 11.00 13.15
CA ASP A 29 0.45 11.27 13.62
C ASP A 29 -0.23 10.00 14.14
N TYR A 30 0.10 8.85 13.56
CA TYR A 30 -0.40 7.55 13.96
C TYR A 30 0.08 7.25 15.37
N LEU A 31 1.36 7.53 15.67
CA LEU A 31 1.90 7.29 17.00
C LEU A 31 1.23 8.25 17.99
N ALA A 32 1.08 9.54 17.60
CA ALA A 32 0.47 10.58 18.44
C ALA A 32 -0.99 10.28 18.79
N SER A 33 -1.67 9.48 17.96
CA SER A 33 -3.04 9.04 18.21
C SER A 33 -3.10 7.75 19.05
N GLY A 34 -2.01 7.38 19.73
CA GLY A 34 -1.96 6.20 20.56
C GLY A 34 -1.62 4.90 19.87
N GLY A 35 -1.37 4.96 18.56
CA GLY A 35 -1.02 3.80 17.76
C GLY A 35 0.28 3.17 18.19
N GLN A 36 0.35 1.83 18.13
CA GLN A 36 1.54 1.08 18.51
C GLN A 36 2.66 1.22 17.48
N PRO A 37 3.93 1.20 17.92
CA PRO A 37 5.03 1.31 16.95
C PRO A 37 5.14 0.06 16.08
N ILE A 38 5.73 0.22 14.87
CA ILE A 38 5.96 -0.88 13.94
C ILE A 38 6.86 -1.90 14.62
N THR A 39 6.45 -3.15 14.63
CA THR A 39 7.21 -4.24 15.24
C THR A 39 7.76 -5.16 14.12
N ASN A 40 8.32 -6.35 14.44
CA ASN A 40 8.85 -7.32 13.46
C ASN A 40 10.12 -6.80 12.78
N CYS A 41 10.87 -5.92 13.48
CA CYS A 41 12.14 -5.40 12.97
C CYS A 41 13.22 -6.48 13.09
N VAL A 42 14.38 -6.29 12.44
CA VAL A 42 15.47 -7.26 12.49
C VAL A 42 16.43 -6.87 13.61
N LYS A 43 16.19 -7.37 14.82
CA LYS A 43 17.03 -7.08 15.97
C LYS A 43 18.22 -8.05 15.97
N MET A 44 19.43 -7.52 16.16
CA MET A 44 20.63 -8.33 16.14
C MET A 44 21.14 -8.80 17.49
N LEU A 45 21.65 -10.02 17.49
CA LEU A 45 22.33 -10.61 18.64
C LEU A 45 23.78 -10.22 18.38
N CYS A 46 24.32 -9.31 19.20
CA CYS A 46 25.68 -8.82 19.01
C CYS A 46 26.45 -8.77 20.34
N THR A 47 27.77 -8.49 20.31
CA THR A 47 28.57 -8.47 21.54
C THR A 47 28.32 -7.21 22.39
N HIS A 48 27.88 -6.10 21.77
CA HIS A 48 27.70 -4.82 22.44
C HIS A 48 29.03 -4.20 22.89
N THR A 49 30.09 -4.46 22.13
CA THR A 49 31.45 -3.93 22.32
C THR A 49 31.92 -3.34 20.96
N GLY A 50 31.01 -2.68 20.25
CA GLY A 50 31.26 -2.12 18.93
C GLY A 50 31.52 -0.63 18.94
N THR A 51 31.95 -0.10 17.79
CA THR A 51 32.34 1.30 17.58
C THR A 51 31.29 2.32 17.98
N GLY A 52 30.02 1.92 18.05
CA GLY A 52 28.94 2.83 18.43
C GLY A 52 28.47 3.79 17.36
N GLN A 53 28.99 3.68 16.13
CA GLN A 53 28.56 4.54 15.03
C GLN A 53 27.07 4.29 14.69
N ALA A 54 26.41 5.26 14.05
CA ALA A 54 24.98 5.15 13.77
C ALA A 54 24.59 4.17 12.64
N ILE A 55 25.23 4.28 11.47
CA ILE A 55 24.91 3.43 10.33
C ILE A 55 26.20 2.78 9.94
N THR A 56 26.25 1.46 10.02
CA THR A 56 27.48 0.71 9.82
C THR A 56 27.34 -0.48 8.86
N VAL A 57 28.46 -1.07 8.46
CA VAL A 57 28.52 -2.20 7.56
C VAL A 57 28.28 -3.52 8.34
N THR A 58 28.72 -3.59 9.60
CA THR A 58 28.47 -4.71 10.52
C THR A 58 27.77 -4.15 11.77
N PRO A 59 27.14 -4.99 12.63
CA PRO A 59 26.54 -4.44 13.86
C PRO A 59 27.63 -3.84 14.76
N GLU A 60 27.47 -2.58 15.11
CA GLU A 60 28.44 -1.87 15.94
C GLU A 60 27.81 -1.35 17.24
N ALA A 61 26.79 -2.03 17.77
CA ALA A 61 26.14 -1.55 18.98
C ALA A 61 27.09 -1.55 20.18
N ASN A 62 27.04 -0.50 20.99
CA ASN A 62 27.83 -0.45 22.21
C ASN A 62 26.93 -0.90 23.39
N MET A 63 27.35 -0.69 24.65
CA MET A 63 26.51 -1.11 25.79
C MET A 63 25.21 -0.30 25.92
N ASP A 64 25.13 0.88 25.31
CA ASP A 64 23.95 1.74 25.35
C ASP A 64 23.04 1.59 24.11
N GLN A 65 23.40 0.73 23.14
CA GLN A 65 22.64 0.60 21.91
C GLN A 65 22.13 -0.81 21.61
N GLU A 66 21.23 -0.92 20.65
CA GLU A 66 20.72 -2.17 20.08
C GLU A 66 20.98 -2.08 18.57
N SER A 67 21.49 -3.16 17.96
CA SER A 67 21.74 -3.16 16.52
C SER A 67 20.56 -3.74 15.77
N PHE A 68 20.24 -3.14 14.63
CA PHE A 68 19.15 -3.62 13.80
C PHE A 68 19.54 -3.69 12.34
N GLY A 69 18.85 -4.51 11.57
CA GLY A 69 18.99 -4.53 10.12
C GLY A 69 18.37 -3.25 9.62
N GLY A 70 19.09 -2.56 8.73
CA GLY A 70 18.74 -1.25 8.22
C GLY A 70 17.41 -1.10 7.51
N ALA A 71 17.11 -2.00 6.56
CA ALA A 71 15.85 -1.91 5.83
C ALA A 71 14.64 -2.00 6.77
N SER A 72 14.76 -2.80 7.83
CA SER A 72 13.67 -3.03 8.79
C SER A 72 13.36 -1.82 9.67
N CYS A 73 14.29 -0.86 9.76
CA CYS A 73 14.14 0.40 10.50
C CYS A 73 13.68 1.54 9.60
N CYS A 74 13.48 1.30 8.30
CA CYS A 74 13.13 2.32 7.35
C CYS A 74 11.66 2.22 6.99
N LEU A 75 10.89 3.27 7.30
CA LEU A 75 9.46 3.31 7.00
C LEU A 75 9.17 3.09 5.51
N TYR A 76 10.02 3.62 4.64
CA TYR A 76 9.82 3.51 3.19
C TYR A 76 10.08 2.09 2.69
N CYS A 77 11.04 1.37 3.33
CA CYS A 77 11.33 -0.04 3.03
C CYS A 77 10.18 -0.91 3.59
N ARG A 78 9.71 -0.61 4.81
CA ARG A 78 8.64 -1.33 5.47
C ARG A 78 7.30 -1.23 4.74
N CYS A 79 7.01 -0.08 4.10
CA CYS A 79 5.75 0.17 3.37
C CYS A 79 5.83 -0.08 1.88
N HIS A 80 7.04 -0.29 1.33
CA HIS A 80 7.27 -0.52 -0.10
C HIS A 80 6.84 0.70 -0.92
N ILE A 81 7.13 1.91 -0.38
CA ILE A 81 6.82 3.20 -1.00
C ILE A 81 8.10 3.96 -1.44
N ASP A 82 7.93 5.04 -2.21
CA ASP A 82 9.05 5.85 -2.69
C ASP A 82 9.87 6.43 -1.55
N HIS A 83 11.19 6.50 -1.73
CA HIS A 83 12.05 7.14 -0.73
C HIS A 83 12.10 8.64 -1.02
N PRO A 84 12.08 9.46 0.04
CA PRO A 84 12.01 10.92 -0.18
C PRO A 84 13.19 11.57 -0.91
N ASN A 85 14.44 11.23 -0.55
CA ASN A 85 15.64 11.79 -1.19
C ASN A 85 15.56 11.75 -2.74
N PRO A 86 15.88 12.87 -3.41
CA PRO A 86 15.71 12.96 -4.88
C PRO A 86 16.16 11.78 -5.75
N LYS A 87 17.12 10.95 -5.30
CA LYS A 87 17.56 9.78 -6.08
C LYS A 87 16.66 8.53 -5.90
N GLY A 88 15.76 8.56 -4.92
CA GLY A 88 14.84 7.48 -4.61
C GLY A 88 15.48 6.25 -3.99
N PHE A 89 16.78 6.33 -3.65
CA PHE A 89 17.49 5.19 -3.08
C PHE A 89 17.63 5.30 -1.56
N CYS A 90 17.77 4.17 -0.86
CA CYS A 90 17.80 4.14 0.58
C CYS A 90 19.20 4.23 1.19
N ASP A 91 19.31 4.85 2.37
CA ASP A 91 20.58 4.93 3.09
C ASP A 91 20.67 3.88 4.21
N LEU A 92 19.53 3.27 4.61
CA LEU A 92 19.53 2.29 5.68
C LEU A 92 19.56 0.89 5.12
N LYS A 93 18.85 0.61 4.02
CA LYS A 93 18.86 -0.73 3.42
C LYS A 93 20.28 -1.07 2.93
N GLY A 94 20.78 -2.22 3.33
CA GLY A 94 22.14 -2.63 3.02
C GLY A 94 23.14 -2.37 4.14
N LYS A 95 22.70 -1.70 5.22
CA LYS A 95 23.52 -1.36 6.38
C LYS A 95 22.83 -1.81 7.68
N TYR A 96 23.54 -1.69 8.82
CA TYR A 96 23.04 -1.96 10.17
C TYR A 96 22.86 -0.60 10.85
N VAL A 97 21.83 -0.45 11.64
CA VAL A 97 21.56 0.81 12.35
C VAL A 97 21.65 0.57 13.84
N GLN A 98 22.34 1.46 14.52
CA GLN A 98 22.49 1.40 15.97
C GLN A 98 21.48 2.39 16.55
N ILE A 99 20.55 1.87 17.34
CA ILE A 99 19.48 2.63 17.97
C ILE A 99 19.72 2.62 19.47
N PRO A 100 19.62 3.78 20.17
CA PRO A 100 19.76 3.77 21.64
C PRO A 100 18.78 2.82 22.30
N THR A 101 19.19 2.10 23.33
CA THR A 101 18.33 1.12 24.00
C THR A 101 17.03 1.75 24.52
N THR A 102 17.05 3.04 24.91
CA THR A 102 15.85 3.72 25.40
C THR A 102 14.83 3.94 24.28
N CYS A 103 15.26 4.01 23.01
CA CYS A 103 14.35 4.18 21.88
C CYS A 103 14.14 2.90 21.07
N ALA A 104 14.69 1.76 21.50
CA ALA A 104 14.63 0.48 20.76
C ALA A 104 13.21 -0.07 20.58
N ASN A 105 12.23 0.48 21.32
CA ASN A 105 10.83 0.08 21.18
C ASN A 105 10.25 0.54 19.82
N ASP A 106 10.81 1.64 19.25
CA ASP A 106 10.36 2.16 17.97
C ASP A 106 11.53 2.54 17.07
N PRO A 107 12.21 1.52 16.49
CA PRO A 107 13.34 1.81 15.61
C PRO A 107 12.97 2.61 14.36
N VAL A 108 11.78 2.39 13.78
CA VAL A 108 11.35 3.09 12.57
C VAL A 108 11.13 4.59 12.81
N GLY A 109 10.52 4.89 13.95
CA GLY A 109 10.25 6.26 14.36
C GLY A 109 11.52 7.00 14.72
N PHE A 110 12.48 6.28 15.34
CA PHE A 110 13.78 6.89 15.68
C PHE A 110 14.52 7.36 14.43
N THR A 111 14.68 6.49 13.43
CA THR A 111 15.39 6.86 12.20
C THR A 111 14.67 7.96 11.41
N LEU A 112 13.35 8.02 11.53
CA LEU A 112 12.51 9.01 10.84
C LEU A 112 12.72 10.42 11.45
N LYS A 113 12.86 10.50 12.78
CA LYS A 113 12.97 11.75 13.52
C LYS A 113 14.39 12.25 13.76
N ASN A 114 15.39 11.36 13.71
CA ASN A 114 16.76 11.74 14.06
C ASN A 114 17.72 11.84 12.87
N THR A 115 18.87 12.53 13.08
CA THR A 115 19.91 12.72 12.07
C THR A 115 21.29 12.26 12.59
N VAL A 116 22.11 11.78 11.67
CA VAL A 116 23.46 11.32 11.98
C VAL A 116 24.40 12.52 11.86
N CYS A 117 25.26 12.75 12.85
CA CYS A 117 26.25 13.83 12.78
C CYS A 117 27.27 13.46 11.71
N THR A 118 27.41 14.29 10.69
CA THR A 118 28.36 14.03 9.60
C THR A 118 29.84 14.10 10.06
N VAL A 119 30.10 14.65 11.25
CA VAL A 119 31.45 14.75 11.76
C VAL A 119 31.88 13.46 12.50
N CYS A 120 31.17 13.09 13.60
CA CYS A 120 31.57 11.91 14.37
C CYS A 120 30.86 10.61 13.97
N GLY A 121 29.84 10.67 13.11
CA GLY A 121 29.12 9.48 12.69
C GLY A 121 28.16 8.92 13.73
N MET A 122 27.85 9.69 14.77
CA MET A 122 26.92 9.25 15.81
C MET A 122 25.63 10.07 15.75
N TRP A 123 24.54 9.54 16.29
CA TRP A 123 23.25 10.24 16.27
C TRP A 123 23.34 11.56 17.04
N LYS A 124 22.72 12.63 16.51
CA LYS A 124 22.69 13.92 17.20
C LYS A 124 21.82 13.76 18.45
N GLY A 125 22.45 13.88 19.61
CA GLY A 125 21.79 13.70 20.90
C GLY A 125 21.94 12.31 21.48
N TYR A 126 22.40 11.31 20.67
CA TYR A 126 22.53 9.93 21.11
C TYR A 126 23.75 9.11 20.51
N GLY A 127 25.00 9.44 20.85
CA GLY A 127 25.43 10.55 21.66
C GLY A 127 26.55 11.23 20.93
N CYS A 128 26.21 12.25 20.15
CA CYS A 128 27.20 13.03 19.42
C CYS A 128 27.93 13.88 20.46
N SER A 129 29.26 13.90 20.40
CA SER A 129 30.05 14.68 21.36
C SER A 129 30.09 16.18 21.03
N CYS A 130 29.78 16.56 19.78
CA CYS A 130 29.80 17.97 19.37
C CYS A 130 28.57 18.73 19.91
N ASN B 4 1.71 -16.28 13.98
CA ASN B 4 0.62 -15.68 13.20
C ASN B 4 1.15 -14.65 12.19
N VAL B 5 0.71 -14.78 10.92
CA VAL B 5 1.15 -13.93 9.81
C VAL B 5 -0.02 -13.37 8.95
N THR B 6 0.27 -12.40 8.06
CA THR B 6 -0.71 -11.83 7.14
CA THR B 6 -0.71 -11.86 7.13
C THR B 6 -0.22 -12.03 5.69
N GLY B 7 -1.13 -11.92 4.74
CA GLY B 7 -0.77 -11.97 3.32
C GLY B 7 -0.30 -10.60 2.82
N LEU B 8 -0.45 -9.53 3.65
CA LEU B 8 -0.04 -8.18 3.26
C LEU B 8 1.49 -8.11 3.18
N PHE B 9 1.98 -7.73 2.01
CA PHE B 9 3.41 -7.61 1.71
C PHE B 9 4.10 -8.96 1.59
N LYS B 10 3.35 -10.01 1.22
CA LYS B 10 3.90 -11.34 1.04
C LYS B 10 4.91 -11.32 -0.12
N ASP B 11 6.04 -11.98 0.06
CA ASP B 11 7.07 -12.04 -0.96
C ASP B 11 6.68 -13.14 -1.95
N CYS B 12 6.45 -12.76 -3.18
CA CYS B 12 6.01 -13.66 -4.22
C CYS B 12 7.10 -14.05 -5.18
N SER B 13 8.38 -13.87 -4.84
CA SER B 13 9.47 -14.30 -5.72
C SER B 13 9.64 -15.83 -5.67
N LYS B 14 10.39 -16.40 -6.63
CA LYS B 14 10.68 -17.83 -6.62
C LYS B 14 12.05 -18.16 -5.96
N VAL B 15 12.76 -17.15 -5.42
CA VAL B 15 14.02 -17.31 -4.71
C VAL B 15 13.81 -18.24 -3.51
N ILE B 16 14.61 -19.31 -3.44
CA ILE B 16 14.52 -20.30 -2.34
C ILE B 16 15.16 -19.80 -1.03
N THR B 17 15.93 -18.69 -1.09
CA THR B 17 16.62 -18.08 0.02
C THR B 17 15.83 -16.89 0.65
N GLY B 18 16.03 -16.68 1.95
CA GLY B 18 15.49 -15.51 2.64
C GLY B 18 16.40 -14.32 2.39
N LEU B 19 16.21 -13.21 3.11
CA LEU B 19 17.05 -12.03 2.89
C LEU B 19 18.19 -11.88 3.89
N HIS B 20 19.20 -11.13 3.52
CA HIS B 20 20.32 -10.85 4.39
C HIS B 20 19.80 -9.89 5.49
N PRO B 21 20.25 -9.98 6.76
CA PRO B 21 19.71 -9.09 7.81
C PRO B 21 19.60 -7.61 7.46
N THR B 22 20.57 -7.06 6.71
CA THR B 22 20.56 -5.64 6.33
C THR B 22 19.54 -5.28 5.25
N GLN B 23 19.08 -6.28 4.48
CA GLN B 23 18.19 -6.04 3.35
C GLN B 23 16.75 -6.47 3.57
N ALA B 24 16.53 -7.37 4.54
CA ALA B 24 15.22 -7.89 4.89
C ALA B 24 14.36 -6.80 5.49
N PRO B 25 13.15 -6.60 4.95
CA PRO B 25 12.26 -5.59 5.56
C PRO B 25 11.82 -6.01 6.96
N THR B 26 11.75 -7.31 7.24
CA THR B 26 11.25 -7.81 8.53
C THR B 26 12.05 -9.00 9.04
N HIS B 27 11.92 -9.32 10.35
CA HIS B 27 12.57 -10.48 10.97
C HIS B 27 12.12 -11.77 10.27
N LEU B 28 10.80 -11.88 9.99
CA LEU B 28 10.21 -13.02 9.27
C LEU B 28 10.94 -13.32 7.95
N SER B 29 11.32 -12.29 7.19
CA SER B 29 11.95 -12.44 5.89
C SER B 29 13.47 -12.70 5.92
N VAL B 30 14.13 -12.59 7.08
CA VAL B 30 15.58 -12.87 7.19
C VAL B 30 15.77 -14.37 6.92
N ASP B 31 16.79 -14.72 6.14
CA ASP B 31 17.13 -16.09 5.83
C ASP B 31 17.41 -16.90 7.12
N THR B 32 16.99 -18.17 7.13
CA THR B 32 17.14 -19.08 8.28
C THR B 32 18.59 -19.23 8.80
N LYS B 33 19.61 -19.07 7.95
CA LYS B 33 21.01 -19.19 8.35
C LYS B 33 21.43 -18.13 9.39
N PHE B 34 20.81 -16.96 9.34
CA PHE B 34 21.11 -15.87 10.26
C PHE B 34 20.27 -15.89 11.53
N LYS B 35 19.32 -16.82 11.66
CA LYS B 35 18.43 -16.85 12.82
C LYS B 35 18.93 -17.75 13.93
N THR B 36 18.83 -17.26 15.19
CA THR B 36 19.21 -17.96 16.41
C THR B 36 18.62 -17.25 17.63
N GLU B 37 18.03 -18.00 18.58
CA GLU B 37 17.46 -17.49 19.85
C GLU B 37 16.46 -16.34 19.71
N GLY B 38 15.59 -16.40 18.70
CA GLY B 38 14.62 -15.35 18.46
C GLY B 38 15.19 -14.10 17.78
N LEU B 39 16.53 -14.00 17.66
CA LEU B 39 17.19 -12.85 17.04
C LEU B 39 17.93 -13.24 15.72
N CYS B 40 18.73 -12.32 15.18
CA CYS B 40 19.51 -12.53 13.97
C CYS B 40 20.99 -12.26 14.24
N VAL B 41 21.88 -12.91 13.50
CA VAL B 41 23.32 -12.67 13.63
C VAL B 41 23.90 -12.25 12.31
N ASP B 42 24.94 -11.44 12.36
CA ASP B 42 25.65 -11.05 11.17
C ASP B 42 26.73 -12.11 10.96
N ILE B 43 26.85 -12.61 9.74
CA ILE B 43 27.86 -13.61 9.43
C ILE B 43 28.83 -13.05 8.40
N PRO B 44 29.96 -12.46 8.85
CA PRO B 44 30.95 -11.93 7.90
C PRO B 44 31.45 -13.07 7.00
N GLY B 45 31.31 -12.89 5.70
CA GLY B 45 31.62 -13.95 4.75
C GLY B 45 30.39 -14.40 3.97
N ILE B 46 29.18 -14.15 4.52
CA ILE B 46 27.93 -14.39 3.80
C ILE B 46 27.46 -12.99 3.37
N PRO B 47 27.61 -12.64 2.09
CA PRO B 47 27.31 -11.26 1.67
C PRO B 47 25.85 -10.91 1.33
N LYS B 48 25.59 -9.60 1.20
CA LYS B 48 24.28 -9.10 0.75
C LYS B 48 24.06 -9.49 -0.72
N ASP B 49 22.81 -9.55 -1.17
CA ASP B 49 22.49 -9.85 -2.56
C ASP B 49 22.32 -8.49 -3.25
N MET B 50 23.05 -8.24 -4.36
CA MET B 50 22.95 -6.93 -5.00
C MET B 50 22.20 -6.95 -6.33
N THR B 51 21.46 -8.04 -6.65
CA THR B 51 20.73 -8.08 -7.92
C THR B 51 19.26 -8.50 -7.81
N TYR B 52 18.76 -8.81 -6.60
CA TYR B 52 17.42 -9.37 -6.48
C TYR B 52 16.26 -8.46 -6.95
N ARG B 53 15.14 -9.10 -7.32
CA ARG B 53 13.89 -8.46 -7.74
C ARG B 53 12.78 -9.30 -7.11
N ARG B 54 12.14 -8.80 -6.04
CA ARG B 54 11.15 -9.57 -5.31
C ARG B 54 9.80 -8.93 -5.32
N LEU B 55 8.83 -9.56 -5.98
CA LEU B 55 7.50 -9.02 -6.06
C LEU B 55 6.83 -9.09 -4.69
N ILE B 56 6.36 -7.94 -4.19
CA ILE B 56 5.70 -7.81 -2.89
C ILE B 56 4.21 -7.66 -3.11
N SER B 57 3.42 -8.48 -2.45
CA SER B 57 1.97 -8.50 -2.60
C SER B 57 1.23 -7.33 -1.93
N MET B 58 0.34 -6.68 -2.71
CA MET B 58 -0.50 -5.60 -2.22
C MET B 58 -1.91 -6.08 -1.80
N MET B 59 -2.08 -7.40 -1.59
CA MET B 59 -3.34 -7.99 -1.13
C MET B 59 -3.30 -8.08 0.37
N GLY B 60 -4.29 -7.52 1.05
CA GLY B 60 -4.36 -7.59 2.51
C GLY B 60 -4.38 -6.27 3.27
N PHE B 61 -4.62 -5.12 2.59
CA PHE B 61 -4.68 -3.84 3.30
C PHE B 61 -5.86 -3.81 4.27
N LYS B 62 -5.67 -3.18 5.43
CA LYS B 62 -6.72 -3.01 6.44
C LYS B 62 -6.80 -1.52 6.74
N MET B 63 -7.86 -0.85 6.26
CA MET B 63 -7.98 0.59 6.45
C MET B 63 -8.74 0.97 7.73
N ASN B 64 -8.37 0.38 8.87
CA ASN B 64 -9.07 0.65 10.12
C ASN B 64 -8.31 1.57 11.09
N TYR B 65 -7.55 2.49 10.53
CA TYR B 65 -6.82 3.48 11.32
C TYR B 65 -7.81 4.49 11.96
N GLN B 66 -7.42 5.05 13.10
CA GLN B 66 -8.21 6.06 13.78
C GLN B 66 -7.24 7.13 14.17
N VAL B 67 -7.00 8.09 13.28
CA VAL B 67 -6.03 9.14 13.50
C VAL B 67 -6.67 10.52 13.34
N ASN B 68 -6.44 11.41 14.34
CA ASN B 68 -7.00 12.76 14.38
CA ASN B 68 -6.95 12.79 14.41
C ASN B 68 -6.74 13.52 13.09
N GLY B 69 -7.82 14.01 12.48
CA GLY B 69 -7.71 14.75 11.24
C GLY B 69 -7.63 13.92 9.98
N TYR B 70 -7.69 12.59 10.11
CA TYR B 70 -7.65 11.74 8.92
C TYR B 70 -9.00 11.07 8.79
N PRO B 71 -9.78 11.45 7.77
CA PRO B 71 -11.10 10.83 7.61
C PRO B 71 -10.99 9.33 7.27
N ASN B 72 -12.00 8.57 7.66
CA ASN B 72 -12.02 7.14 7.39
C ASN B 72 -12.43 6.89 5.95
N MET B 73 -11.79 5.94 5.26
CA MET B 73 -12.15 5.58 3.88
C MET B 73 -13.49 4.82 3.91
N PHE B 74 -13.60 3.79 4.78
CA PHE B 74 -14.83 3.01 4.87
C PHE B 74 -15.86 3.71 5.75
N ILE B 75 -17.00 4.04 5.16
CA ILE B 75 -18.09 4.74 5.86
C ILE B 75 -19.27 3.81 6.18
N THR B 76 -20.20 4.29 7.02
CA THR B 76 -21.40 3.55 7.39
C THR B 76 -22.40 3.58 6.23
N ARG B 77 -23.37 2.65 6.25
CA ARG B 77 -24.44 2.59 5.27
C ARG B 77 -25.26 3.88 5.31
N GLU B 78 -25.51 4.40 6.50
CA GLU B 78 -26.29 5.61 6.71
C GLU B 78 -25.58 6.83 6.15
N GLU B 79 -24.25 6.88 6.27
CA GLU B 79 -23.49 8.00 5.70
C GLU B 79 -23.42 7.86 4.19
N ALA B 80 -23.29 6.62 3.68
CA ALA B 80 -23.29 6.35 2.25
C ALA B 80 -24.64 6.75 1.64
N ILE B 81 -25.75 6.48 2.36
CA ILE B 81 -27.08 6.86 1.90
C ILE B 81 -27.17 8.38 1.73
N ARG B 82 -26.72 9.15 2.73
CA ARG B 82 -26.69 10.61 2.67
C ARG B 82 -25.92 11.11 1.44
N HIS B 83 -24.83 10.41 1.09
CA HIS B 83 -24.00 10.78 -0.06
C HIS B 83 -24.24 9.89 -1.29
N VAL B 84 -25.52 9.52 -1.56
CA VAL B 84 -25.87 8.70 -2.70
C VAL B 84 -25.50 9.37 -4.05
N ARG B 85 -25.42 10.70 -4.09
CA ARG B 85 -25.02 11.42 -5.31
C ARG B 85 -23.55 11.19 -5.68
N ALA B 86 -22.72 10.78 -4.71
CA ALA B 86 -21.31 10.47 -4.93
C ALA B 86 -21.05 9.03 -5.31
N TRP B 87 -22.08 8.16 -5.31
CA TRP B 87 -21.87 6.74 -5.56
C TRP B 87 -21.32 6.38 -6.92
N ILE B 88 -20.20 5.68 -6.92
CA ILE B 88 -19.60 5.15 -8.13
C ILE B 88 -19.33 3.68 -7.86
N GLY B 89 -19.99 2.78 -8.58
CA GLY B 89 -19.72 1.34 -8.47
C GLY B 89 -18.33 1.06 -9.01
N PHE B 90 -17.59 0.14 -8.38
CA PHE B 90 -16.22 -0.13 -8.79
C PHE B 90 -15.89 -1.60 -8.69
N ASP B 91 -15.33 -2.19 -9.73
CA ASP B 91 -14.93 -3.58 -9.75
C ASP B 91 -13.65 -3.74 -10.56
N VAL B 92 -12.76 -4.65 -10.16
CA VAL B 92 -11.52 -4.89 -10.88
C VAL B 92 -11.36 -6.36 -11.23
N GLU B 93 -11.03 -6.64 -12.50
CA GLU B 93 -10.72 -7.98 -12.96
C GLU B 93 -9.21 -8.04 -12.96
N GLY B 94 -8.66 -8.98 -12.23
CA GLY B 94 -7.21 -9.09 -12.10
C GLY B 94 -6.54 -10.21 -12.87
N CYS B 95 -5.22 -10.10 -12.99
CA CYS B 95 -4.42 -11.15 -13.59
C CYS B 95 -3.44 -11.70 -12.54
N HIS B 96 -2.93 -12.90 -12.76
CA HIS B 96 -2.07 -13.59 -11.80
C HIS B 96 -0.61 -13.37 -12.12
N ALA B 97 0.24 -13.13 -11.10
CA ALA B 97 1.69 -13.00 -11.30
C ALA B 97 2.26 -14.34 -11.80
N THR B 98 3.12 -14.28 -12.83
CA THR B 98 3.70 -15.49 -13.42
C THR B 98 5.22 -15.35 -13.69
N ARG B 99 5.90 -16.45 -14.12
CA ARG B 99 7.32 -16.53 -14.47
C ARG B 99 8.27 -16.19 -13.30
N GLU B 100 8.70 -14.92 -13.17
CA GLU B 100 9.62 -14.50 -12.11
C GLU B 100 8.97 -14.45 -10.70
N ALA B 101 7.64 -14.51 -10.63
CA ALA B 101 6.91 -14.43 -9.37
C ALA B 101 5.57 -15.15 -9.43
N VAL B 102 5.07 -15.63 -8.27
CA VAL B 102 3.79 -16.32 -8.18
CA VAL B 102 3.79 -16.33 -8.18
C VAL B 102 3.18 -16.08 -6.78
N GLY B 103 1.87 -15.81 -6.72
CA GLY B 103 1.21 -15.61 -5.44
C GLY B 103 0.42 -14.33 -5.22
N THR B 104 0.32 -13.47 -6.24
CA THR B 104 -0.43 -12.23 -6.10
C THR B 104 -1.19 -11.85 -7.38
N ASN B 105 -2.20 -10.97 -7.25
CA ASN B 105 -2.98 -10.51 -8.38
C ASN B 105 -2.70 -9.04 -8.65
N LEU B 106 -2.65 -8.69 -9.94
CA LEU B 106 -2.38 -7.34 -10.40
C LEU B 106 -3.64 -6.83 -11.12
N PRO B 107 -3.94 -5.52 -11.04
CA PRO B 107 -5.13 -5.00 -11.74
C PRO B 107 -5.01 -5.14 -13.26
N LEU B 108 -6.08 -5.60 -13.91
CA LEU B 108 -6.09 -5.74 -15.36
C LEU B 108 -7.13 -4.80 -15.97
N GLN B 109 -8.41 -5.04 -15.69
CA GLN B 109 -9.47 -4.19 -16.19
C GLN B 109 -10.24 -3.57 -15.03
N LEU B 110 -10.24 -2.25 -14.97
CA LEU B 110 -10.92 -1.51 -13.92
C LEU B 110 -12.26 -1.03 -14.46
N GLY B 111 -13.33 -1.41 -13.80
CA GLY B 111 -14.67 -1.06 -14.22
C GLY B 111 -15.42 -0.16 -13.27
N PHE B 112 -16.19 0.78 -13.83
CA PHE B 112 -16.97 1.74 -13.04
C PHE B 112 -18.45 1.74 -13.46
N SER B 113 -19.36 2.15 -12.57
CA SER B 113 -20.79 2.19 -12.91
C SER B 113 -21.10 3.20 -14.03
N THR B 114 -20.14 4.10 -14.36
CA THR B 114 -20.24 5.02 -15.50
C THR B 114 -20.26 4.26 -16.84
N GLY B 115 -19.86 2.99 -16.84
CA GLY B 115 -19.79 2.16 -18.03
C GLY B 115 -18.38 2.07 -18.60
N VAL B 116 -17.41 2.77 -17.98
CA VAL B 116 -16.02 2.80 -18.41
C VAL B 116 -15.22 1.59 -17.91
N ASN B 117 -14.40 1.02 -18.81
CA ASN B 117 -13.44 -0.05 -18.55
C ASN B 117 -12.06 0.46 -18.99
N LEU B 118 -11.11 0.46 -18.06
CA LEU B 118 -9.75 0.89 -18.37
C LEU B 118 -8.84 -0.32 -18.21
N VAL B 119 -8.00 -0.61 -19.22
CA VAL B 119 -7.10 -1.76 -19.15
C VAL B 119 -5.70 -1.25 -18.78
N ALA B 120 -5.11 -1.80 -17.71
CA ALA B 120 -3.78 -1.39 -17.29
C ALA B 120 -2.76 -2.45 -17.63
N VAL B 121 -1.48 -2.06 -17.84
CA VAL B 121 -0.43 -3.06 -18.03
C VAL B 121 -0.22 -3.74 -16.65
N PRO B 122 -0.03 -5.06 -16.61
CA PRO B 122 0.19 -5.72 -15.32
C PRO B 122 1.46 -5.18 -14.63
N THR B 123 1.26 -4.37 -13.58
CA THR B 123 2.31 -3.66 -12.85
C THR B 123 2.30 -4.08 -11.38
N GLY B 124 3.48 -4.20 -10.79
CA GLY B 124 3.60 -4.63 -9.40
C GLY B 124 4.69 -3.89 -8.64
N TYR B 125 4.78 -4.17 -7.34
CA TYR B 125 5.74 -3.51 -6.47
C TYR B 125 6.87 -4.45 -6.18
N VAL B 126 7.99 -4.19 -6.84
CA VAL B 126 9.14 -5.07 -6.78
C VAL B 126 10.27 -4.54 -5.92
N ASP B 127 10.58 -5.24 -4.83
CA ASP B 127 11.70 -4.86 -3.97
C ASP B 127 13.05 -5.21 -4.62
N THR B 128 14.00 -4.28 -4.49
CA THR B 128 15.37 -4.38 -5.00
C THR B 128 16.36 -4.00 -3.83
N PRO B 129 17.68 -4.21 -4.01
CA PRO B 129 18.61 -3.87 -2.92
C PRO B 129 18.65 -2.39 -2.53
N ASN B 130 17.99 -1.52 -3.30
CA ASN B 130 18.03 -0.08 -3.09
C ASN B 130 16.70 0.56 -2.79
N ASN B 131 15.62 -0.03 -3.30
CA ASN B 131 14.30 0.56 -3.14
C ASN B 131 13.19 -0.43 -3.59
N THR B 132 11.95 0.09 -3.85
CA THR B 132 10.85 -0.65 -4.41
C THR B 132 10.62 -0.02 -5.77
N ASP B 133 10.68 -0.82 -6.80
CA ASP B 133 10.49 -0.42 -8.17
C ASP B 133 9.07 -0.79 -8.58
N PHE B 134 8.26 0.22 -8.92
CA PHE B 134 6.90 0.04 -9.42
C PHE B 134 7.10 -0.20 -10.92
N SER B 135 6.85 -1.41 -11.41
CA SER B 135 7.12 -1.72 -12.81
C SER B 135 6.30 -2.89 -13.36
N ARG B 136 6.28 -3.03 -14.70
CA ARG B 136 5.57 -4.12 -15.36
C ARG B 136 6.10 -5.47 -14.92
N VAL B 137 5.22 -6.41 -14.66
CA VAL B 137 5.61 -7.75 -14.25
C VAL B 137 4.95 -8.78 -15.19
N SER B 138 5.52 -9.98 -15.28
CA SER B 138 4.94 -11.03 -16.12
C SER B 138 3.65 -11.48 -15.45
N ALA B 139 2.59 -11.58 -16.22
CA ALA B 139 1.30 -11.97 -15.69
C ALA B 139 0.49 -12.77 -16.69
N LYS B 140 -0.42 -13.59 -16.18
CA LYS B 140 -1.28 -14.40 -17.03
C LYS B 140 -2.73 -14.20 -16.59
N PRO B 141 -3.71 -14.27 -17.52
CA PRO B 141 -5.11 -14.21 -17.09
C PRO B 141 -5.46 -15.43 -16.24
N PRO B 142 -6.40 -15.33 -15.29
CA PRO B 142 -6.74 -16.50 -14.47
C PRO B 142 -7.16 -17.71 -15.31
N PRO B 143 -6.87 -18.95 -14.84
CA PRO B 143 -7.22 -20.17 -15.60
C PRO B 143 -8.42 -20.09 -16.57
N GLY B 144 -8.08 -19.92 -17.85
CA GLY B 144 -9.00 -19.70 -18.97
C GLY B 144 -10.26 -20.53 -19.06
N ASP B 145 -11.40 -19.89 -18.78
CA ASP B 145 -12.75 -20.45 -18.87
C ASP B 145 -13.70 -19.24 -18.92
N GLN B 146 -14.06 -18.66 -17.77
CA GLN B 146 -14.86 -17.41 -17.76
C GLN B 146 -13.96 -16.16 -17.96
N PHE B 147 -12.62 -16.35 -17.97
CA PHE B 147 -11.61 -15.31 -18.12
C PHE B 147 -10.98 -15.32 -19.53
N LYS B 148 -11.70 -15.84 -20.55
CA LYS B 148 -11.17 -15.88 -21.92
C LYS B 148 -11.15 -14.49 -22.58
N HIS B 149 -12.00 -13.56 -22.11
CA HIS B 149 -12.04 -12.17 -22.60
C HIS B 149 -10.82 -11.35 -22.14
N LEU B 150 -10.10 -11.80 -21.10
CA LEU B 150 -8.94 -11.13 -20.53
C LEU B 150 -7.66 -11.39 -21.30
N ILE B 151 -7.58 -12.54 -22.01
CA ILE B 151 -6.41 -12.91 -22.81
C ILE B 151 -5.98 -11.79 -23.79
N PRO B 152 -6.88 -11.22 -24.63
CA PRO B 152 -6.44 -10.13 -25.52
C PRO B 152 -6.06 -8.84 -24.79
N LEU B 153 -6.67 -8.61 -23.62
CA LEU B 153 -6.43 -7.43 -22.81
C LEU B 153 -5.02 -7.36 -22.24
N MET B 154 -4.32 -8.51 -22.12
CA MET B 154 -2.94 -8.55 -21.62
C MET B 154 -1.98 -7.70 -22.46
N TYR B 155 -2.38 -7.29 -23.68
CA TYR B 155 -1.56 -6.51 -24.62
C TYR B 155 -2.17 -5.12 -24.95
N LYS B 156 -3.46 -4.91 -24.63
CA LYS B 156 -4.12 -3.63 -24.86
C LYS B 156 -4.11 -2.70 -23.62
N GLY B 157 -3.19 -2.92 -22.70
CA GLY B 157 -3.13 -2.14 -21.47
C GLY B 157 -2.34 -0.85 -21.57
N LEU B 158 -2.70 0.12 -20.74
CA LEU B 158 -2.01 1.40 -20.68
C LEU B 158 -1.15 1.49 -19.43
N PRO B 159 -0.02 2.23 -19.48
CA PRO B 159 0.81 2.36 -18.27
C PRO B 159 0.03 3.03 -17.14
N TRP B 160 0.32 2.66 -15.87
CA TRP B 160 -0.44 3.18 -14.74
C TRP B 160 -0.46 4.70 -14.63
N ASN B 161 0.60 5.40 -15.05
CA ASN B 161 0.60 6.88 -15.02
C ASN B 161 -0.50 7.46 -15.95
N VAL B 162 -0.87 6.71 -17.01
CA VAL B 162 -1.92 7.11 -17.93
C VAL B 162 -3.27 6.70 -17.33
N VAL B 163 -3.40 5.43 -16.92
CA VAL B 163 -4.63 4.88 -16.33
C VAL B 163 -5.17 5.74 -15.17
N ARG B 164 -4.31 6.10 -14.21
CA ARG B 164 -4.76 6.90 -13.06
C ARG B 164 -5.19 8.31 -13.45
N ILE B 165 -4.63 8.86 -14.55
CA ILE B 165 -5.05 10.19 -15.03
C ILE B 165 -6.47 10.09 -15.60
N LYS B 166 -6.78 9.00 -16.31
CA LYS B 166 -8.10 8.78 -16.87
C LYS B 166 -9.17 8.53 -15.79
N ILE B 167 -8.78 7.93 -14.65
CA ILE B 167 -9.74 7.68 -13.56
C ILE B 167 -10.15 9.00 -12.97
N VAL B 168 -9.17 9.88 -12.69
CA VAL B 168 -9.41 11.21 -12.13
C VAL B 168 -10.26 12.02 -13.10
N GLN B 169 -9.95 11.94 -14.40
CA GLN B 169 -10.70 12.68 -15.42
C GLN B 169 -12.16 12.20 -15.49
N MET B 170 -12.38 10.88 -15.45
CA MET B 170 -13.73 10.32 -15.48
C MET B 170 -14.53 10.65 -14.22
N LEU B 171 -13.92 10.55 -13.04
CA LEU B 171 -14.63 10.86 -11.80
C LEU B 171 -14.97 12.33 -11.70
N SER B 172 -14.03 13.19 -12.08
CA SER B 172 -14.23 14.63 -12.08
C SER B 172 -15.35 15.03 -13.02
N ASP B 173 -15.36 14.45 -14.24
CA ASP B 173 -16.43 14.76 -15.19
C ASP B 173 -17.80 14.28 -14.69
N THR B 174 -17.85 13.14 -13.99
CA THR B 174 -19.12 12.61 -13.49
C THR B 174 -19.63 13.28 -12.22
N LEU B 175 -18.74 13.59 -11.27
CA LEU B 175 -19.16 14.09 -9.97
C LEU B 175 -19.10 15.57 -9.71
N LYS B 176 -18.55 16.39 -10.62
CA LYS B 176 -18.44 17.84 -10.37
C LYS B 176 -19.79 18.53 -10.07
N ASN B 177 -20.85 18.18 -10.80
CA ASN B 177 -22.16 18.77 -10.58
C ASN B 177 -23.08 17.97 -9.66
N LEU B 178 -22.54 16.91 -8.99
CA LEU B 178 -23.33 16.03 -8.13
C LEU B 178 -22.89 15.98 -6.67
N SER B 179 -21.57 15.94 -6.43
CA SER B 179 -21.07 15.79 -5.06
C SER B 179 -19.73 16.44 -4.85
N ASP B 180 -19.39 16.67 -3.56
CA ASP B 180 -18.08 17.15 -3.15
C ASP B 180 -17.13 15.96 -2.84
N ARG B 181 -17.48 14.73 -3.26
CA ARG B 181 -16.69 13.55 -2.93
C ARG B 181 -17.02 12.37 -3.86
N VAL B 182 -16.39 11.23 -3.63
CA VAL B 182 -16.71 9.99 -4.32
C VAL B 182 -16.94 8.93 -3.25
N VAL B 183 -17.94 8.08 -3.46
CA VAL B 183 -18.15 6.94 -2.60
C VAL B 183 -18.09 5.74 -3.53
N PHE B 184 -17.01 4.97 -3.49
CA PHE B 184 -16.88 3.75 -4.29
C PHE B 184 -17.79 2.67 -3.65
N VAL B 185 -18.72 2.12 -4.43
CA VAL B 185 -19.67 1.11 -3.95
C VAL B 185 -19.07 -0.20 -4.43
N LEU B 186 -18.69 -1.08 -3.46
CA LEU B 186 -17.95 -2.31 -3.75
C LEU B 186 -18.71 -3.60 -3.35
N TRP B 187 -18.29 -4.77 -3.88
CA TRP B 187 -18.79 -6.10 -3.51
C TRP B 187 -17.52 -6.96 -3.33
N ALA B 188 -17.22 -7.41 -2.07
CA ALA B 188 -16.01 -8.16 -1.66
C ALA B 188 -14.83 -7.25 -2.00
N HIS B 189 -14.65 -6.18 -1.23
CA HIS B 189 -13.75 -5.07 -1.52
C HIS B 189 -12.25 -5.35 -1.62
N GLY B 190 -11.82 -6.51 -1.20
CA GLY B 190 -10.40 -6.87 -1.11
C GLY B 190 -9.51 -6.46 -2.25
N PHE B 191 -9.84 -6.92 -3.46
CA PHE B 191 -9.05 -6.62 -4.63
C PHE B 191 -9.26 -5.20 -5.14
N GLU B 192 -10.42 -4.59 -4.86
CA GLU B 192 -10.66 -3.19 -5.27
C GLU B 192 -9.80 -2.25 -4.45
N LEU B 193 -9.63 -2.54 -3.15
CA LEU B 193 -8.78 -1.79 -2.23
C LEU B 193 -7.30 -1.95 -2.61
N THR B 194 -6.92 -3.14 -3.06
CA THR B 194 -5.58 -3.42 -3.55
C THR B 194 -5.30 -2.54 -4.78
N SER B 195 -6.27 -2.48 -5.69
CA SER B 195 -6.22 -1.65 -6.91
C SER B 195 -6.17 -0.16 -6.58
N MET B 196 -6.90 0.27 -5.53
CA MET B 196 -6.88 1.66 -5.11
C MET B 196 -5.47 2.16 -4.76
N LYS B 197 -4.59 1.29 -4.23
CA LYS B 197 -3.18 1.61 -3.94
C LYS B 197 -2.47 2.22 -5.17
N TYR B 198 -2.92 1.86 -6.38
CA TYR B 198 -2.40 2.33 -7.66
C TYR B 198 -2.87 3.74 -8.08
N PHE B 199 -3.94 4.28 -7.48
CA PHE B 199 -4.48 5.59 -7.90
C PHE B 199 -5.06 6.42 -6.78
N VAL B 200 -4.81 6.06 -5.52
CA VAL B 200 -5.39 6.79 -4.39
C VAL B 200 -4.33 7.24 -3.41
N LYS B 201 -4.48 8.45 -2.88
CA LYS B 201 -3.64 8.98 -1.80
C LYS B 201 -4.56 9.45 -0.67
N ILE B 202 -4.10 9.33 0.57
CA ILE B 202 -4.89 9.74 1.73
C ILE B 202 -4.08 10.71 2.61
N GLY B 203 -4.79 11.48 3.41
CA GLY B 203 -4.21 12.42 4.35
C GLY B 203 -5.27 13.26 5.00
N PRO B 204 -4.87 14.38 5.61
CA PRO B 204 -5.87 15.28 6.21
C PRO B 204 -6.73 15.98 5.17
N GLU B 205 -7.91 16.46 5.57
CA GLU B 205 -8.80 17.18 4.66
C GLU B 205 -8.17 18.47 4.16
N ARG B 206 -8.23 18.69 2.84
CA ARG B 206 -7.65 19.86 2.21
C ARG B 206 -8.71 20.63 1.40
N THR B 207 -8.35 21.84 0.94
CA THR B 207 -9.22 22.64 0.08
C THR B 207 -8.57 22.77 -1.31
N CYS B 208 -9.36 22.99 -2.35
CA CYS B 208 -8.82 23.14 -3.70
C CYS B 208 -7.84 24.32 -3.80
N CYS B 209 -6.88 24.23 -4.72
CA CYS B 209 -5.93 25.32 -4.92
C CYS B 209 -6.57 26.49 -5.70
N LEU B 210 -7.58 26.21 -6.54
CA LEU B 210 -8.24 27.23 -7.33
C LEU B 210 -9.60 27.68 -6.77
N CYS B 211 -10.08 27.09 -5.66
CA CYS B 211 -11.38 27.46 -5.07
C CYS B 211 -11.49 27.04 -3.57
N ASP B 212 -12.66 27.20 -2.95
CA ASP B 212 -12.86 26.84 -1.55
C ASP B 212 -13.50 25.45 -1.36
N ARG B 213 -13.81 24.72 -2.45
CA ARG B 213 -14.43 23.40 -2.31
C ARG B 213 -13.40 22.41 -1.79
N ARG B 214 -13.84 21.38 -1.06
CA ARG B 214 -12.91 20.37 -0.53
C ARG B 214 -12.12 19.67 -1.67
N ALA B 215 -10.87 19.31 -1.38
CA ALA B 215 -10.02 18.64 -2.37
C ALA B 215 -10.38 17.16 -2.49
N THR B 216 -10.62 16.74 -3.73
CA THR B 216 -10.90 15.35 -4.09
C THR B 216 -9.77 14.76 -4.95
N CYS B 217 -8.79 15.59 -5.40
CA CYS B 217 -7.71 15.15 -6.28
C CYS B 217 -6.35 15.65 -5.82
N PHE B 218 -5.31 14.92 -6.21
CA PHE B 218 -3.94 15.27 -5.85
C PHE B 218 -3.04 15.11 -7.08
N SER B 219 -2.04 15.99 -7.21
CA SER B 219 -1.08 15.91 -8.31
C SER B 219 0.31 15.69 -7.70
N THR B 220 0.99 14.63 -8.11
CA THR B 220 2.34 14.36 -7.62
C THR B 220 3.32 15.35 -8.24
N ALA B 221 3.17 15.62 -9.55
CA ALA B 221 4.01 16.53 -10.33
C ALA B 221 4.17 17.90 -9.68
N SER B 222 3.09 18.44 -9.10
CA SER B 222 3.13 19.75 -8.48
C SER B 222 2.85 19.80 -6.98
N ASP B 223 2.57 18.65 -6.32
CA ASP B 223 2.22 18.61 -4.88
C ASP B 223 1.02 19.55 -4.59
N THR B 224 -0.01 19.49 -5.44
CA THR B 224 -1.20 20.35 -5.33
C THR B 224 -2.49 19.56 -5.24
N TYR B 225 -3.53 20.19 -4.67
CA TYR B 225 -4.84 19.62 -4.44
C TYR B 225 -5.91 20.33 -5.23
N ALA B 226 -6.87 19.58 -5.79
CA ALA B 226 -7.95 20.18 -6.56
C ALA B 226 -9.30 19.52 -6.32
N CYS B 227 -10.39 20.25 -6.55
CA CYS B 227 -11.74 19.69 -6.43
C CYS B 227 -12.08 18.98 -7.77
N TRP B 228 -13.31 18.41 -7.94
CA TRP B 228 -13.65 17.78 -9.23
C TRP B 228 -13.68 18.79 -10.40
N HIS B 229 -13.73 20.11 -10.10
CA HIS B 229 -13.79 21.13 -11.14
C HIS B 229 -12.42 21.50 -11.72
N HIS B 230 -11.38 21.52 -10.87
CA HIS B 230 -10.04 21.98 -11.28
C HIS B 230 -8.97 20.92 -11.30
N SER B 231 -9.37 19.66 -11.46
CA SER B 231 -8.44 18.53 -11.44
C SER B 231 -7.80 18.24 -12.80
N ILE B 232 -7.87 19.16 -13.77
CA ILE B 232 -7.27 18.95 -15.09
C ILE B 232 -5.78 18.57 -14.99
N GLY B 233 -5.45 17.38 -15.52
CA GLY B 233 -4.09 16.83 -15.49
C GLY B 233 -3.69 16.14 -14.19
N PHE B 234 -4.60 16.02 -13.21
CA PHE B 234 -4.27 15.37 -11.92
C PHE B 234 -4.21 13.86 -12.05
N ASP B 235 -3.29 13.24 -11.32
CA ASP B 235 -3.10 11.80 -11.40
C ASP B 235 -3.69 11.00 -10.21
N TYR B 236 -3.90 11.62 -9.05
CA TYR B 236 -4.42 10.88 -7.89
C TYR B 236 -5.78 11.25 -7.35
N VAL B 237 -6.52 10.22 -6.92
CA VAL B 237 -7.80 10.38 -6.23
C VAL B 237 -7.42 10.59 -4.78
N TYR B 238 -7.85 11.70 -4.19
CA TYR B 238 -7.48 12.03 -2.81
C TYR B 238 -8.64 11.90 -1.83
N ASN B 239 -8.37 11.24 -0.68
CA ASN B 239 -9.35 11.02 0.37
C ASN B 239 -10.73 10.49 -0.14
N PRO B 240 -10.77 9.37 -0.89
CA PRO B 240 -12.08 8.85 -1.33
C PRO B 240 -12.80 8.09 -0.19
N PHE B 241 -14.07 7.79 -0.40
CA PHE B 241 -14.85 7.02 0.56
C PHE B 241 -15.33 5.74 -0.11
N MET B 242 -15.75 4.76 0.68
CA MET B 242 -16.15 3.47 0.14
C MET B 242 -17.00 2.66 1.11
N ILE B 243 -17.69 1.68 0.56
CA ILE B 243 -18.53 0.80 1.34
C ILE B 243 -18.63 -0.54 0.61
N ASP B 244 -18.68 -1.63 1.37
CA ASP B 244 -18.77 -2.99 0.82
C ASP B 244 -20.19 -3.53 0.98
N VAL B 245 -20.95 -3.50 -0.11
CA VAL B 245 -22.33 -3.95 -0.19
C VAL B 245 -22.49 -5.43 0.18
N GLN B 246 -21.47 -6.27 -0.07
CA GLN B 246 -21.54 -7.68 0.30
C GLN B 246 -21.82 -7.90 1.80
N GLN B 247 -21.34 -7.01 2.66
CA GLN B 247 -21.52 -7.14 4.10
C GLN B 247 -22.88 -6.73 4.61
N TRP B 248 -23.83 -6.38 3.73
CA TRP B 248 -25.16 -5.97 4.16
C TRP B 248 -26.16 -7.14 4.30
N GLY B 249 -25.69 -8.28 4.82
CA GLY B 249 -26.54 -9.45 5.04
C GLY B 249 -27.03 -10.18 3.80
N PHE B 250 -26.16 -10.38 2.78
CA PHE B 250 -26.54 -11.07 1.55
C PHE B 250 -25.99 -12.49 1.56
N THR B 251 -26.81 -13.47 1.16
CA THR B 251 -26.35 -14.86 1.17
C THR B 251 -25.51 -15.24 -0.08
N GLY B 252 -26.03 -15.04 -1.29
CA GLY B 252 -25.33 -15.49 -2.49
C GLY B 252 -24.29 -14.57 -3.13
N ASN B 253 -24.07 -14.74 -4.45
CA ASN B 253 -23.11 -13.95 -5.22
C ASN B 253 -23.71 -12.59 -5.66
N LEU B 254 -22.92 -11.74 -6.34
CA LEU B 254 -23.39 -10.43 -6.78
C LEU B 254 -24.61 -10.52 -7.73
N GLN B 255 -24.47 -11.27 -8.85
CA GLN B 255 -25.53 -11.37 -9.85
C GLN B 255 -26.83 -11.89 -9.28
N SER B 256 -26.81 -12.98 -8.50
CA SER B 256 -28.05 -13.52 -7.95
C SER B 256 -28.76 -12.57 -7.00
N ASN B 257 -28.03 -11.71 -6.29
CA ASN B 257 -28.66 -10.73 -5.40
C ASN B 257 -29.19 -9.53 -6.17
N HIS B 258 -28.43 -9.08 -7.17
CA HIS B 258 -28.84 -7.98 -8.03
C HIS B 258 -30.14 -8.35 -8.78
N ASP B 259 -30.18 -9.59 -9.33
CA ASP B 259 -31.31 -10.11 -10.11
C ASP B 259 -32.61 -10.24 -9.34
N LEU B 260 -32.57 -10.18 -8.01
CA LEU B 260 -33.79 -10.24 -7.21
C LEU B 260 -34.63 -8.98 -7.40
N TYR B 261 -33.97 -7.82 -7.63
CA TYR B 261 -34.68 -6.56 -7.76
C TYR B 261 -34.64 -5.96 -9.16
N CYS B 262 -33.67 -6.35 -9.96
CA CYS B 262 -33.45 -5.74 -11.25
C CYS B 262 -33.28 -6.72 -12.40
N GLN B 263 -34.02 -6.50 -13.49
CA GLN B 263 -33.94 -7.33 -14.68
C GLN B 263 -33.46 -6.58 -15.92
N VAL B 264 -32.84 -5.42 -15.76
CA VAL B 264 -32.40 -4.62 -16.92
C VAL B 264 -30.89 -4.55 -17.09
N HIS B 265 -30.11 -5.14 -16.17
CA HIS B 265 -28.66 -5.18 -16.28
C HIS B 265 -28.24 -6.63 -16.46
N GLY B 266 -28.22 -7.11 -17.69
CA GLY B 266 -27.81 -8.48 -17.97
C GLY B 266 -26.32 -8.64 -17.74
N ASN B 267 -25.88 -9.80 -17.23
CA ASN B 267 -24.45 -9.99 -16.96
C ASN B 267 -23.68 -10.17 -18.25
N ALA B 268 -22.87 -9.16 -18.61
CA ALA B 268 -22.02 -9.19 -19.80
C ALA B 268 -20.59 -9.69 -19.48
N HIS B 269 -20.34 -10.19 -18.24
CA HIS B 269 -19.09 -10.76 -17.73
C HIS B 269 -17.88 -9.84 -17.94
N VAL B 270 -18.02 -8.58 -17.53
CA VAL B 270 -16.99 -7.54 -17.67
C VAL B 270 -16.96 -6.68 -16.39
N ALA B 271 -15.78 -6.12 -16.02
CA ALA B 271 -15.59 -5.31 -14.81
C ALA B 271 -16.64 -4.19 -14.60
N SER B 272 -16.93 -3.40 -15.66
CA SER B 272 -17.92 -2.34 -15.57
C SER B 272 -19.33 -2.87 -15.34
N CYS B 273 -19.65 -4.06 -15.85
CA CYS B 273 -20.97 -4.66 -15.65
C CYS B 273 -21.16 -5.02 -14.18
N ASP B 274 -20.10 -5.53 -13.52
CA ASP B 274 -20.19 -5.85 -12.10
C ASP B 274 -20.32 -4.57 -11.25
N ALA B 275 -19.64 -3.49 -11.67
CA ALA B 275 -19.71 -2.20 -11.02
C ALA B 275 -21.10 -1.59 -11.12
N ILE B 276 -21.78 -1.79 -12.28
CA ILE B 276 -23.15 -1.30 -12.49
C ILE B 276 -24.10 -2.08 -11.58
N MET B 277 -23.96 -3.41 -11.56
CA MET B 277 -24.79 -4.29 -10.72
C MET B 277 -24.60 -4.00 -9.23
N THR B 278 -23.38 -3.66 -8.81
CA THR B 278 -23.08 -3.32 -7.42
C THR B 278 -23.81 -2.03 -6.99
N ARG B 279 -23.67 -0.94 -7.76
CA ARG B 279 -24.36 0.31 -7.45
C ARG B 279 -25.87 0.13 -7.53
N CYS B 280 -26.33 -0.63 -8.53
CA CYS B 280 -27.76 -0.88 -8.70
C CYS B 280 -28.33 -1.61 -7.46
N LEU B 281 -27.66 -2.67 -7.02
CA LEU B 281 -28.06 -3.45 -5.86
C LEU B 281 -28.06 -2.57 -4.60
N ALA B 282 -27.04 -1.71 -4.43
CA ALA B 282 -26.98 -0.80 -3.29
C ALA B 282 -28.16 0.17 -3.26
N VAL B 283 -28.55 0.69 -4.43
CA VAL B 283 -29.68 1.61 -4.52
C VAL B 283 -30.97 0.88 -4.15
N HIS B 284 -31.23 -0.29 -4.77
CA HIS B 284 -32.44 -1.06 -4.46
C HIS B 284 -32.53 -1.45 -2.98
N GLU B 285 -31.42 -1.85 -2.39
CA GLU B 285 -31.37 -2.25 -0.99
C GLU B 285 -31.56 -1.08 -0.03
N CYS B 286 -30.92 0.07 -0.30
CA CYS B 286 -30.97 1.22 0.61
C CYS B 286 -32.20 2.09 0.52
N PHE B 287 -32.93 2.10 -0.62
CA PHE B 287 -34.03 3.06 -0.76
C PHE B 287 -35.42 2.48 -0.90
N VAL B 288 -35.54 1.16 -1.04
CA VAL B 288 -36.85 0.52 -1.12
C VAL B 288 -37.21 -0.09 0.23
N LYS B 289 -38.41 0.26 0.75
CA LYS B 289 -39.02 -0.27 1.98
C LYS B 289 -38.09 -0.35 3.19
#